data_8K71
#
_entry.id   8K71
#
_cell.length_a   86.587
_cell.length_b   86.587
_cell.length_c   146.499
_cell.angle_alpha   90.000
_cell.angle_beta   90.000
_cell.angle_gamma   90.000
#
_symmetry.space_group_name_H-M   'P 41 21 2'
#
loop_
_entity.id
_entity.type
_entity.pdbx_description
1 polymer 'Hypoxia-inducible factor 1-alpha inhibitor'
2 non-polymer 'ZINC ION'
3 non-polymer '2-[(2~{Z})-2-[2-(naphthalen-2-ylmethylsulfonyl)ethanoylimino]-3-oxidanyl-1,3-thiazol-4-yl]ethanoic acid'
4 non-polymer 'SULFATE ION'
5 non-polymer GLYCEROL
6 water water
#
_entity_poly.entity_id   1
_entity_poly.type   'polypeptide(L)'
_entity_poly.pdbx_seq_one_letter_code
;MAATAAEAVASGSGEPREEAGALGPAWDESQLRSYSFPTRPIPRLSQSDPRAEELIENEEPVVLTDTNLVYPALKWDLEY
LQENIGNGDFSVYSASTHKFLYYDEKKMANFQNFKPRSNREEMKFHEFVEKLQDIQQRGGEERLYLQQTLNDTVGRKIVM
DFLGFNWNWINKQQGKRGWGQLTSNLLLIGMEGNVTPAHYDEQQNFFAQIKGYKRCILFPPDQFECLYPYPVHHPCDRQS
QVDFDNPDYERFPNFQNVVGYETVVGPGDVLYIPMYWWHHIESLLNGGITITVNFWYKGAPTPKRIEYPLKAHQKVAIMR
NIEKMLGEALGNPQEVGPLLNTMIKGRYN
;
_entity_poly.pdbx_strand_id   A
#
loop_
_chem_comp.id
_chem_comp.type
_chem_comp.name
_chem_comp.formula
GOL non-polymer GLYCEROL 'C3 H8 O3'
SO4 non-polymer 'SULFATE ION' 'O4 S -2'
VIZ non-polymer '2-[(2~{Z})-2-[2-(naphthalen-2-ylmethylsulfonyl)ethanoylimino]-3-oxidanyl-1,3-thiazol-4-yl]ethanoic acid' 'C18 H16 N2 O6 S2'
ZN non-polymer 'ZINC ION' 'Zn 2'
#
# COMPACT_ATOMS: atom_id res chain seq x y z
N GLY A 12 -15.61 8.88 -8.16
CA GLY A 12 -15.05 7.59 -7.78
C GLY A 12 -14.10 7.05 -8.82
N SER A 13 -14.18 5.74 -9.07
CA SER A 13 -13.36 5.11 -10.09
C SER A 13 -13.89 5.34 -11.50
N GLY A 14 -14.94 6.14 -11.65
CA GLY A 14 -15.58 6.32 -12.93
C GLY A 14 -16.41 5.11 -13.31
N GLU A 15 -16.88 5.12 -14.56
CA GLU A 15 -17.62 3.97 -15.07
C GLU A 15 -16.71 2.75 -15.14
N PRO A 16 -17.19 1.57 -14.78
CA PRO A 16 -16.36 0.37 -14.91
C PRO A 16 -15.98 0.10 -16.36
N ARG A 17 -14.72 -0.28 -16.56
CA ARG A 17 -14.22 -0.51 -17.91
C ARG A 17 -14.80 -1.79 -18.50
N GLU A 18 -15.02 -1.75 -19.82
CA GLU A 18 -15.48 -2.92 -20.56
C GLU A 18 -14.29 -3.72 -21.04
N GLU A 19 -14.33 -5.03 -20.82
CA GLU A 19 -13.22 -5.89 -21.21
C GLU A 19 -13.31 -6.25 -22.70
N ALA A 20 -12.15 -6.49 -23.30
CA ALA A 20 -12.11 -6.84 -24.71
C ALA A 20 -12.81 -8.17 -24.96
N GLY A 21 -13.32 -8.34 -26.18
CA GLY A 21 -14.07 -9.53 -26.53
C GLY A 21 -15.49 -9.55 -26.00
N ALA A 22 -16.01 -8.41 -25.53
CA ALA A 22 -17.37 -8.31 -25.01
C ALA A 22 -17.60 -9.26 -23.83
N LEU A 23 -16.56 -9.52 -23.05
CA LEU A 23 -16.67 -10.38 -21.88
C LEU A 23 -17.42 -9.75 -20.71
N GLY A 24 -18.08 -8.60 -20.90
CA GLY A 24 -18.83 -7.96 -19.85
C GLY A 24 -18.03 -6.92 -19.10
N PRO A 25 -18.67 -6.26 -18.14
CA PRO A 25 -17.94 -5.27 -17.32
C PRO A 25 -16.94 -5.96 -16.42
N ALA A 26 -15.74 -5.37 -16.31
CA ALA A 26 -14.71 -5.93 -15.45
C ALA A 26 -15.19 -6.03 -14.01
N TRP A 27 -15.90 -5.01 -13.54
CA TRP A 27 -16.49 -5.03 -12.21
C TRP A 27 -17.75 -4.18 -12.24
N ASP A 28 -18.48 -4.21 -11.14
CA ASP A 28 -19.62 -3.32 -10.95
C ASP A 28 -19.54 -2.72 -9.56
N GLU A 29 -20.22 -1.58 -9.38
CA GLU A 29 -20.06 -0.78 -8.17
C GLU A 29 -20.43 -1.52 -6.89
N SER A 30 -21.24 -2.57 -6.99
CA SER A 30 -21.62 -3.32 -5.78
C SER A 30 -20.44 -4.04 -5.15
N GLN A 31 -19.35 -4.21 -5.89
CA GLN A 31 -18.13 -4.83 -5.36
C GLN A 31 -17.24 -3.83 -4.63
N LEU A 32 -17.61 -2.55 -4.61
CA LEU A 32 -16.85 -1.53 -3.91
C LEU A 32 -17.48 -1.27 -2.54
N ARG A 33 -16.63 -1.17 -1.52
CA ARG A 33 -17.11 -0.82 -0.19
C ARG A 33 -17.50 0.65 -0.14
N SER A 34 -18.45 0.97 0.73
CA SER A 34 -18.98 2.31 0.84
C SER A 34 -18.31 3.05 2.00
N TYR A 35 -17.89 4.29 1.75
CA TYR A 35 -17.23 5.12 2.73
C TYR A 35 -17.87 6.50 2.75
N SER A 36 -17.42 7.34 3.67
CA SER A 36 -18.08 8.61 3.96
C SER A 36 -17.49 9.79 3.19
N PHE A 37 -16.41 9.58 2.43
CA PHE A 37 -15.70 10.71 1.83
C PHE A 37 -15.84 10.70 0.31
N PRO A 38 -15.79 11.87 -0.32
CA PRO A 38 -15.79 11.94 -1.78
C PRO A 38 -14.41 11.66 -2.34
N THR A 39 -14.40 11.26 -3.62
CA THR A 39 -13.18 10.98 -4.34
C THR A 39 -13.28 11.54 -5.76
N ARG A 40 -12.14 11.58 -6.44
CA ARG A 40 -12.06 11.92 -7.86
C ARG A 40 -11.03 11.02 -8.52
N PRO A 41 -11.18 10.71 -9.81
CA PRO A 41 -10.43 9.61 -10.40
C PRO A 41 -8.95 9.92 -10.61
N ILE A 42 -8.12 8.92 -10.32
CA ILE A 42 -6.71 8.95 -10.72
C ILE A 42 -6.62 8.76 -12.23
N PRO A 43 -5.83 9.55 -12.95
CA PRO A 43 -5.79 9.42 -14.41
C PRO A 43 -5.23 8.08 -14.85
N ARG A 44 -5.83 7.53 -15.89
CA ARG A 44 -5.38 6.30 -16.55
C ARG A 44 -4.81 6.70 -17.91
N LEU A 45 -3.50 6.57 -18.06
CA LEU A 45 -2.81 7.07 -19.23
C LEU A 45 -1.86 6.00 -19.78
N SER A 46 -1.44 6.20 -21.02
CA SER A 46 -0.38 5.42 -21.62
C SER A 46 0.97 5.88 -21.12
N GLN A 47 1.93 4.95 -21.04
CA GLN A 47 3.28 5.33 -20.65
C GLN A 47 3.94 6.25 -21.67
N SER A 48 3.45 6.24 -22.91
CA SER A 48 3.93 7.17 -23.92
C SER A 48 3.29 8.55 -23.82
N ASP A 49 2.30 8.72 -22.94
CA ASP A 49 1.61 9.99 -22.80
C ASP A 49 2.48 10.94 -21.98
N PRO A 50 2.82 12.13 -22.49
CA PRO A 50 3.65 13.06 -21.69
C PRO A 50 3.00 13.47 -20.39
N ARG A 51 1.67 13.51 -20.33
CA ARG A 51 0.99 13.86 -19.08
C ARG A 51 1.31 12.85 -17.98
N ALA A 52 1.45 11.58 -18.34
CA ALA A 52 1.85 10.58 -17.35
C ALA A 52 3.28 10.82 -16.88
N GLU A 53 4.15 11.30 -17.78
CA GLU A 53 5.52 11.59 -17.41
C GLU A 53 5.58 12.76 -16.44
N GLU A 54 4.75 13.78 -16.66
CA GLU A 54 4.77 14.95 -15.79
C GLU A 54 4.10 14.69 -14.45
N LEU A 55 3.21 13.69 -14.38
CA LEU A 55 2.60 13.33 -13.12
C LEU A 55 3.60 12.62 -12.21
N ILE A 56 4.33 11.65 -12.77
CA ILE A 56 5.34 10.95 -11.99
C ILE A 56 6.43 11.90 -11.53
N GLU A 57 6.86 12.81 -12.43
CA GLU A 57 7.90 13.77 -12.07
C GLU A 57 7.45 14.68 -10.94
N ASN A 58 6.19 15.14 -10.97
CA ASN A 58 5.65 15.97 -9.91
C ASN A 58 5.10 15.17 -8.74
N GLU A 59 5.38 13.86 -8.70
CA GLU A 59 5.00 12.99 -7.59
C GLU A 59 3.50 13.03 -7.32
N GLU A 60 2.72 12.78 -8.37
CA GLU A 60 1.28 12.60 -8.29
C GLU A 60 0.91 11.25 -8.88
N PRO A 61 -0.11 10.59 -8.34
CA PRO A 61 -0.42 9.23 -8.80
C PRO A 61 -0.93 9.20 -10.23
N VAL A 62 -0.64 8.09 -10.91
CA VAL A 62 -1.12 7.86 -12.26
C VAL A 62 -1.17 6.35 -12.48
N VAL A 63 -2.18 5.90 -13.20
CA VAL A 63 -2.30 4.50 -13.58
C VAL A 63 -1.82 4.36 -15.02
N LEU A 64 -0.74 3.59 -15.20
CA LEU A 64 -0.19 3.33 -16.52
C LEU A 64 -0.74 2.00 -17.02
N THR A 65 -1.35 2.03 -18.21
CA THR A 65 -2.11 0.88 -18.70
C THR A 65 -1.33 -0.02 -19.65
N ASP A 66 -0.17 0.40 -20.14
CA ASP A 66 0.52 -0.34 -21.19
C ASP A 66 2.03 -0.37 -20.97
N THR A 67 2.45 -0.57 -19.73
CA THR A 67 3.89 -0.67 -19.49
C THR A 67 4.45 -2.03 -19.87
N ASN A 68 3.61 -3.08 -19.80
CA ASN A 68 4.08 -4.46 -19.88
C ASN A 68 5.14 -4.74 -18.81
N LEU A 69 5.02 -4.08 -17.66
CA LEU A 69 6.03 -4.21 -16.61
C LEU A 69 6.12 -5.64 -16.10
N VAL A 70 4.96 -6.27 -15.89
CA VAL A 70 4.93 -7.64 -15.35
C VAL A 70 4.17 -8.54 -16.32
N TYR A 71 4.36 -8.31 -17.61
CA TYR A 71 3.69 -9.12 -18.64
C TYR A 71 3.91 -10.61 -18.45
N PRO A 72 5.11 -11.14 -18.19
CA PRO A 72 5.24 -12.58 -18.00
C PRO A 72 4.50 -13.10 -16.77
N ALA A 73 4.15 -12.22 -15.83
CA ALA A 73 3.47 -12.65 -14.61
C ALA A 73 1.96 -12.67 -14.75
N LEU A 74 1.41 -12.18 -15.86
CA LEU A 74 -0.04 -12.15 -16.02
C LEU A 74 -0.65 -13.54 -16.13
N LYS A 75 0.16 -14.55 -16.43
CA LYS A 75 -0.31 -15.93 -16.46
C LYS A 75 -0.31 -16.58 -15.08
N TRP A 76 0.07 -15.84 -14.04
CA TRP A 76 0.22 -16.41 -12.72
C TRP A 76 -1.13 -16.74 -12.09
N ASP A 77 -1.17 -17.87 -11.38
CA ASP A 77 -2.25 -18.19 -10.46
C ASP A 77 -1.68 -19.09 -9.37
N LEU A 78 -2.56 -19.56 -8.49
CA LEU A 78 -2.12 -20.39 -7.37
C LEU A 78 -1.49 -21.69 -7.87
N GLU A 79 -2.10 -22.31 -8.88
CA GLU A 79 -1.59 -23.59 -9.39
C GLU A 79 -0.20 -23.42 -9.98
N TYR A 80 -0.03 -22.40 -10.82
CA TYR A 80 1.28 -22.17 -11.46
C TYR A 80 2.33 -21.78 -10.44
N LEU A 81 1.97 -20.92 -9.49
CA LEU A 81 2.95 -20.45 -8.51
C LEU A 81 3.38 -21.57 -7.58
N GLN A 82 2.41 -22.32 -7.03
CA GLN A 82 2.73 -23.42 -6.12
C GLN A 82 3.71 -24.40 -6.75
N GLU A 83 3.60 -24.60 -8.07
CA GLU A 83 4.47 -25.57 -8.73
C GLU A 83 5.86 -25.01 -8.98
N ASN A 84 6.00 -23.69 -9.09
CA ASN A 84 7.25 -23.08 -9.52
C ASN A 84 7.84 -22.06 -8.54
N ILE A 85 7.10 -21.63 -7.52
CA ILE A 85 7.63 -20.61 -6.61
C ILE A 85 8.68 -21.15 -5.66
N GLY A 86 8.81 -22.47 -5.55
CA GLY A 86 9.84 -23.06 -4.71
C GLY A 86 9.35 -23.45 -3.34
N ASN A 87 10.30 -23.90 -2.52
CA ASN A 87 10.00 -24.38 -1.17
C ASN A 87 10.44 -23.39 -0.09
N GLY A 88 10.49 -22.11 -0.41
CA GLY A 88 10.81 -21.11 0.57
C GLY A 88 9.66 -20.85 1.53
N ASP A 89 9.95 -20.04 2.54
CA ASP A 89 8.94 -19.64 3.51
C ASP A 89 8.25 -18.36 3.05
N PHE A 90 6.96 -18.27 3.36
CA PHE A 90 6.14 -17.12 2.97
C PHE A 90 5.44 -16.56 4.20
N SER A 91 5.49 -15.25 4.38
CA SER A 91 4.79 -14.59 5.47
C SER A 91 3.31 -14.49 5.12
N VAL A 92 2.46 -15.13 5.92
CA VAL A 92 1.02 -15.14 5.71
C VAL A 92 0.36 -14.53 6.94
N TYR A 93 -0.35 -13.43 6.73
CA TYR A 93 -1.07 -12.77 7.80
C TYR A 93 -2.52 -13.24 7.82
N SER A 94 -3.04 -13.47 9.03
CA SER A 94 -4.42 -13.90 9.21
C SER A 94 -5.19 -12.82 9.95
N ALA A 95 -6.48 -12.69 9.65
CA ALA A 95 -7.32 -11.68 10.25
C ALA A 95 -8.72 -12.22 10.51
N SER A 96 -9.29 -11.83 11.65
CA SER A 96 -10.68 -12.19 11.93
C SER A 96 -11.65 -11.38 11.10
N THR A 97 -11.30 -10.13 10.80
CA THR A 97 -12.11 -9.25 9.98
C THR A 97 -11.41 -9.00 8.64
N HIS A 98 -11.99 -8.12 7.84
CA HIS A 98 -11.43 -7.79 6.53
C HIS A 98 -10.32 -6.76 6.60
N LYS A 99 -10.11 -6.14 7.76
CA LYS A 99 -9.06 -5.14 7.93
C LYS A 99 -7.77 -5.82 8.38
N PHE A 100 -6.72 -5.68 7.56
CA PHE A 100 -5.40 -6.22 7.87
C PHE A 100 -4.51 -5.06 8.31
N LEU A 101 -4.68 -4.65 9.56
CA LEU A 101 -3.88 -3.56 10.12
C LEU A 101 -2.48 -4.08 10.46
N TYR A 102 -1.47 -3.56 9.77
CA TYR A 102 -0.09 -3.99 10.01
C TYR A 102 0.42 -3.43 11.34
N TYR A 103 1.36 -4.15 11.94
CA TYR A 103 1.92 -3.76 13.24
C TYR A 103 3.40 -4.12 13.28
N ASP A 104 4.22 -3.13 13.62
CA ASP A 104 5.67 -3.32 13.75
C ASP A 104 5.95 -4.13 15.00
N GLU A 105 6.47 -5.35 14.82
CA GLU A 105 6.80 -6.20 15.96
C GLU A 105 7.95 -5.63 16.79
N LYS A 106 8.84 -4.86 16.16
CA LYS A 106 9.97 -4.29 16.90
C LYS A 106 9.49 -3.25 17.91
N LYS A 107 8.46 -2.49 17.54
CA LYS A 107 7.96 -1.42 18.40
C LYS A 107 6.91 -1.90 19.40
N MET A 108 6.55 -3.19 19.39
CA MET A 108 5.56 -3.70 20.32
C MET A 108 6.00 -3.62 21.78
N ALA A 109 7.28 -3.38 22.04
CA ALA A 109 7.74 -3.24 23.42
C ALA A 109 7.33 -1.90 24.01
N ASN A 110 7.21 -0.86 23.18
CA ASN A 110 6.90 0.47 23.71
C ASN A 110 5.49 0.53 24.28
N PHE A 111 4.53 -0.14 23.63
CA PHE A 111 3.12 -0.08 24.01
C PHE A 111 2.69 -1.48 24.45
N GLN A 112 2.74 -1.74 25.76
CA GLN A 112 2.37 -3.05 26.28
C GLN A 112 0.87 -3.30 26.15
N ASN A 113 0.05 -2.25 26.21
CA ASN A 113 -1.39 -2.41 26.11
C ASN A 113 -1.84 -2.48 24.66
N PHE A 114 -1.01 -3.03 23.79
CA PHE A 114 -1.37 -3.25 22.39
C PHE A 114 -1.30 -4.74 22.10
N LYS A 115 -2.42 -5.31 21.68
CA LYS A 115 -2.50 -6.71 21.29
C LYS A 115 -2.81 -6.80 19.81
N PRO A 116 -2.06 -7.57 19.04
CA PRO A 116 -2.24 -7.57 17.58
C PRO A 116 -3.55 -8.23 17.16
N ARG A 117 -4.11 -7.73 16.06
CA ARG A 117 -5.33 -8.27 15.48
C ARG A 117 -5.09 -9.08 14.22
N SER A 118 -3.86 -9.07 13.68
CA SER A 118 -3.53 -9.82 12.47
C SER A 118 -2.19 -10.52 12.69
N ASN A 119 -2.24 -11.75 13.16
CA ASN A 119 -1.04 -12.51 13.47
C ASN A 119 -0.36 -13.02 12.21
N ARG A 120 0.96 -12.88 12.17
CA ARG A 120 1.76 -13.38 11.05
C ARG A 120 2.12 -14.85 11.29
N GLU A 121 2.21 -15.60 10.19
CA GLU A 121 2.61 -17.00 10.26
C GLU A 121 3.42 -17.36 9.02
N GLU A 122 4.57 -18.00 9.24
CA GLU A 122 5.41 -18.47 8.14
C GLU A 122 4.97 -19.86 7.71
N MET A 123 4.98 -20.10 6.40
CA MET A 123 4.55 -21.39 5.86
C MET A 123 5.02 -21.49 4.42
N LYS A 124 5.10 -22.75 3.95
CA LYS A 124 5.40 -23.00 2.56
C LYS A 124 4.21 -22.62 1.68
N PHE A 125 4.49 -22.37 0.40
CA PHE A 125 3.45 -21.87 -0.49
C PHE A 125 2.33 -22.89 -0.66
N HIS A 126 2.69 -24.19 -0.70
CA HIS A 126 1.66 -25.21 -0.83
C HIS A 126 0.80 -25.27 0.43
N GLU A 127 1.35 -24.89 1.59
CA GLU A 127 0.56 -24.83 2.81
C GLU A 127 -0.41 -23.67 2.77
N PHE A 128 0.01 -22.52 2.24
CA PHE A 128 -0.90 -21.38 2.13
C PHE A 128 -2.03 -21.66 1.16
N VAL A 129 -1.75 -22.34 0.05
CA VAL A 129 -2.81 -22.71 -0.89
C VAL A 129 -3.76 -23.70 -0.24
N GLU A 130 -3.21 -24.67 0.49
CA GLU A 130 -4.06 -25.62 1.22
C GLU A 130 -4.91 -24.90 2.25
N LYS A 131 -4.28 -24.06 3.08
CA LYS A 131 -5.01 -23.35 4.13
C LYS A 131 -6.09 -22.44 3.55
N LEU A 132 -5.87 -21.90 2.35
CA LEU A 132 -6.88 -21.08 1.72
C LEU A 132 -8.09 -21.91 1.29
N GLN A 133 -7.85 -23.09 0.73
CA GLN A 133 -8.94 -23.91 0.24
C GLN A 133 -9.78 -24.50 1.37
N ASP A 134 -9.19 -24.66 2.55
CA ASP A 134 -9.98 -25.12 3.70
C ASP A 134 -11.02 -24.09 4.10
N ILE A 135 -10.65 -22.81 4.07
CA ILE A 135 -11.57 -21.75 4.45
C ILE A 135 -12.76 -21.70 3.50
N GLN A 136 -12.51 -21.92 2.21
CA GLN A 136 -13.59 -21.91 1.24
C GLN A 136 -14.47 -23.14 1.37
N GLN A 137 -13.87 -24.29 1.70
CA GLN A 137 -14.67 -25.49 1.94
C GLN A 137 -15.50 -25.35 3.20
N ARG A 138 -14.86 -25.01 4.32
CA ARG A 138 -15.56 -24.84 5.59
C ARG A 138 -16.49 -23.64 5.57
N GLY A 139 -16.39 -22.77 4.58
CA GLY A 139 -17.22 -21.58 4.54
C GLY A 139 -16.91 -20.55 5.59
N GLY A 140 -15.81 -20.70 6.32
CA GLY A 140 -15.47 -19.78 7.39
C GLY A 140 -15.20 -18.38 6.86
N GLU A 141 -15.16 -17.44 7.81
CA GLU A 141 -14.96 -16.03 7.51
C GLU A 141 -13.55 -15.57 7.82
N GLU A 142 -12.64 -16.48 8.16
CA GLU A 142 -11.24 -16.12 8.35
C GLU A 142 -10.61 -15.75 7.02
N ARG A 143 -9.69 -14.79 7.07
CA ARG A 143 -9.06 -14.25 5.88
C ARG A 143 -7.54 -14.35 5.98
N LEU A 144 -6.91 -14.60 4.83
CA LEU A 144 -5.46 -14.70 4.74
C LEU A 144 -4.95 -13.69 3.73
N TYR A 145 -3.68 -13.32 3.88
CA TYR A 145 -3.04 -12.36 2.98
C TYR A 145 -1.56 -12.67 2.93
N LEU A 146 -1.11 -13.24 1.81
CA LEU A 146 0.30 -13.52 1.61
C LEU A 146 1.03 -12.25 1.19
N GLN A 147 2.08 -11.91 1.94
CA GLN A 147 2.90 -10.74 1.65
C GLN A 147 4.35 -11.16 1.87
N GLN A 148 5.07 -11.42 0.78
CA GLN A 148 6.42 -11.99 0.87
C GLN A 148 7.33 -11.35 -0.16
N THR A 149 8.55 -11.02 0.28
CA THR A 149 9.55 -10.49 -0.65
C THR A 149 10.15 -11.63 -1.47
N LEU A 150 10.40 -11.36 -2.75
CA LEU A 150 10.97 -12.36 -3.64
C LEU A 150 12.48 -12.36 -3.54
N ASN A 151 13.08 -13.54 -3.76
CA ASN A 151 14.52 -13.67 -3.65
C ASN A 151 15.06 -14.81 -4.52
N ASP A 152 16.14 -15.45 -4.08
CA ASP A 152 16.79 -16.47 -4.90
C ASP A 152 16.05 -17.81 -4.84
N THR A 153 15.39 -18.12 -3.73
CA THR A 153 14.83 -19.45 -3.51
C THR A 153 13.74 -19.82 -4.51
N VAL A 154 13.23 -18.86 -5.29
CA VAL A 154 12.15 -19.16 -6.23
C VAL A 154 12.66 -20.05 -7.36
N GLY A 155 11.74 -20.81 -7.95
CA GLY A 155 12.12 -21.76 -8.98
C GLY A 155 12.57 -21.10 -10.26
N ARG A 156 13.06 -21.94 -11.18
CA ARG A 156 13.67 -21.44 -12.41
C ARG A 156 12.66 -20.70 -13.28
N LYS A 157 11.42 -21.20 -13.34
CA LYS A 157 10.42 -20.57 -14.20
C LYS A 157 9.99 -19.22 -13.65
N ILE A 158 9.89 -19.10 -12.33
CA ILE A 158 9.61 -17.79 -11.74
C ILE A 158 10.77 -16.84 -11.99
N VAL A 159 12.00 -17.36 -11.97
CA VAL A 159 13.17 -16.55 -12.32
C VAL A 159 13.08 -16.07 -13.76
N MET A 160 12.64 -16.94 -14.67
CA MET A 160 12.51 -16.55 -16.07
C MET A 160 11.41 -15.52 -16.26
N ASP A 161 10.29 -15.68 -15.54
CA ASP A 161 9.24 -14.67 -15.58
C ASP A 161 9.73 -13.34 -15.02
N PHE A 162 10.45 -13.39 -13.89
CA PHE A 162 10.99 -12.18 -13.28
C PHE A 162 11.91 -11.46 -14.25
N LEU A 163 12.83 -12.20 -14.88
CA LEU A 163 13.73 -11.58 -15.85
C LEU A 163 12.97 -11.01 -17.04
N GLY A 164 11.77 -11.52 -17.31
CA GLY A 164 10.94 -11.03 -18.38
C GLY A 164 10.23 -9.74 -18.12
N PHE A 165 10.36 -9.18 -16.91
CA PHE A 165 9.75 -7.91 -16.60
C PHE A 165 10.40 -6.80 -17.43
N ASN A 166 9.63 -5.73 -17.67
CA ASN A 166 10.10 -4.61 -18.48
C ASN A 166 11.08 -3.76 -17.66
N TRP A 167 12.28 -4.32 -17.48
CA TRP A 167 13.31 -3.60 -16.75
C TRP A 167 13.82 -2.39 -17.52
N ASN A 168 13.67 -2.40 -18.84
CA ASN A 168 14.08 -1.25 -19.64
C ASN A 168 13.28 -0.02 -19.26
N TRP A 169 11.96 -0.18 -19.12
CA TRP A 169 11.11 0.96 -18.79
C TRP A 169 11.34 1.42 -17.36
N ILE A 170 11.27 0.50 -16.39
CA ILE A 170 11.26 0.91 -14.99
C ILE A 170 12.62 1.43 -14.57
N ASN A 171 13.70 0.92 -15.16
CA ASN A 171 15.02 1.47 -14.86
C ASN A 171 15.19 2.86 -15.47
N LYS A 172 14.52 3.13 -16.58
CA LYS A 172 14.51 4.48 -17.13
C LYS A 172 13.75 5.43 -16.22
N GLN A 173 12.64 4.97 -15.64
CA GLN A 173 11.93 5.78 -14.66
C GLN A 173 12.79 6.04 -13.44
N GLN A 174 13.57 5.05 -13.02
CA GLN A 174 14.46 5.25 -11.87
C GLN A 174 15.50 6.32 -12.16
N GLY A 175 16.01 6.35 -13.39
CA GLY A 175 17.00 7.33 -13.76
C GLY A 175 16.44 8.72 -13.98
N LYS A 176 15.27 8.81 -14.62
CA LYS A 176 14.67 10.10 -14.92
C LYS A 176 14.19 10.83 -13.68
N ARG A 177 13.95 10.12 -12.58
CA ARG A 177 13.50 10.73 -11.33
C ARG A 177 14.64 10.87 -10.33
N GLY A 178 15.82 10.33 -10.62
CA GLY A 178 16.90 10.37 -9.66
C GLY A 178 16.67 9.56 -8.41
N TRP A 179 15.82 8.54 -8.48
CA TRP A 179 15.51 7.73 -7.30
C TRP A 179 16.73 6.94 -6.84
N GLY A 180 16.65 6.45 -5.62
CA GLY A 180 17.64 5.52 -5.11
C GLY A 180 17.50 4.15 -5.75
N GLN A 181 18.08 3.13 -5.13
CA GLN A 181 18.03 1.79 -5.72
C GLN A 181 16.73 1.09 -5.38
N LEU A 182 16.40 0.09 -6.20
CA LEU A 182 15.29 -0.80 -5.93
C LEU A 182 15.54 -1.57 -4.64
N THR A 183 14.70 -1.35 -3.65
CA THR A 183 14.92 -1.93 -2.33
C THR A 183 14.22 -3.26 -2.14
N SER A 184 13.06 -3.47 -2.75
CA SER A 184 12.31 -4.69 -2.47
C SER A 184 11.27 -4.95 -3.55
N ASN A 185 10.95 -6.22 -3.73
CA ASN A 185 9.84 -6.68 -4.55
C ASN A 185 8.90 -7.47 -3.65
N LEU A 186 7.70 -6.93 -3.41
CA LEU A 186 6.74 -7.57 -2.53
C LEU A 186 5.68 -8.28 -3.36
N LEU A 187 5.54 -9.59 -3.14
CA LEU A 187 4.46 -10.36 -3.74
C LEU A 187 3.25 -10.36 -2.82
N LEU A 188 2.11 -9.96 -3.36
CA LEU A 188 0.87 -9.85 -2.59
C LEU A 188 -0.17 -10.76 -3.20
N ILE A 189 -0.67 -11.72 -2.43
CA ILE A 189 -1.78 -12.57 -2.82
C ILE A 189 -2.85 -12.46 -1.73
N GLY A 190 -3.98 -11.87 -2.08
CA GLY A 190 -5.03 -11.67 -1.10
C GLY A 190 -6.36 -12.30 -1.49
N MET A 191 -7.20 -12.52 -0.49
CA MET A 191 -8.56 -13.01 -0.72
C MET A 191 -9.48 -11.84 -1.04
N GLU A 192 -10.59 -12.15 -1.70
CA GLU A 192 -11.58 -11.13 -2.02
C GLU A 192 -12.05 -10.42 -0.76
N GLY A 193 -12.28 -9.12 -0.87
CA GLY A 193 -12.71 -8.32 0.25
C GLY A 193 -11.62 -7.94 1.23
N ASN A 194 -10.40 -8.44 1.05
CA ASN A 194 -9.30 -8.07 1.93
C ASN A 194 -9.01 -6.57 1.81
N VAL A 195 -8.84 -5.92 2.95
CA VAL A 195 -8.61 -4.49 3.01
C VAL A 195 -7.30 -4.23 3.73
N THR A 196 -6.39 -3.50 3.08
CA THR A 196 -5.23 -2.94 3.75
C THR A 196 -5.58 -1.51 4.12
N PRO A 197 -5.83 -1.20 5.39
CA PRO A 197 -6.32 0.13 5.76
C PRO A 197 -5.32 1.22 5.44
N ALA A 198 -5.81 2.46 5.53
CA ALA A 198 -5.07 3.63 5.04
C ALA A 198 -3.76 3.79 5.80
N HIS A 199 -2.68 3.98 5.05
CA HIS A 199 -1.36 4.23 5.60
C HIS A 199 -0.53 4.90 4.52
N TYR A 200 0.63 5.40 4.92
CA TYR A 200 1.58 5.98 3.97
C TYR A 200 2.94 5.32 4.12
N ASP A 201 3.61 5.14 3.00
CA ASP A 201 4.96 4.59 2.95
C ASP A 201 5.96 5.71 2.66
N GLU A 202 7.23 5.42 2.91
CA GLU A 202 8.29 6.41 2.77
C GLU A 202 9.11 6.25 1.48
N GLN A 203 8.76 5.31 0.62
CA GLN A 203 9.47 5.09 -0.63
C GLN A 203 8.52 5.17 -1.81
N GLN A 204 9.10 5.32 -2.99
CA GLN A 204 8.32 5.37 -4.22
C GLN A 204 7.89 3.96 -4.61
N ASN A 205 6.63 3.82 -5.01
CA ASN A 205 6.04 2.52 -5.25
C ASN A 205 5.48 2.44 -6.66
N PHE A 206 5.85 1.38 -7.36
CA PHE A 206 5.21 1.03 -8.63
C PHE A 206 4.35 -0.21 -8.36
N PHE A 207 3.04 -0.03 -8.45
CA PHE A 207 2.05 -1.01 -8.00
C PHE A 207 1.57 -1.79 -9.22
N ALA A 208 2.16 -2.98 -9.43
CA ALA A 208 1.94 -3.76 -10.65
C ALA A 208 0.89 -4.82 -10.39
N GLN A 209 -0.32 -4.60 -10.90
CA GLN A 209 -1.44 -5.51 -10.69
C GLN A 209 -1.38 -6.66 -11.68
N ILE A 210 -1.65 -7.87 -11.20
CA ILE A 210 -1.40 -9.08 -11.95
C ILE A 210 -2.69 -9.90 -12.13
N LYS A 211 -3.32 -10.28 -11.04
CA LYS A 211 -4.56 -11.04 -11.07
C LYS A 211 -5.61 -10.33 -10.23
N GLY A 212 -6.85 -10.33 -10.72
CA GLY A 212 -7.93 -9.69 -10.00
C GLY A 212 -7.86 -8.18 -10.05
N TYR A 213 -8.78 -7.56 -9.31
CA TYR A 213 -8.94 -6.12 -9.31
C TYR A 213 -8.83 -5.59 -7.89
N LYS A 214 -8.18 -4.43 -7.76
CA LYS A 214 -7.98 -3.78 -6.47
C LYS A 214 -8.43 -2.33 -6.56
N ARG A 215 -9.23 -1.90 -5.60
CA ARG A 215 -9.65 -0.51 -5.49
C ARG A 215 -8.61 0.24 -4.66
N CYS A 216 -8.04 1.29 -5.24
CA CYS A 216 -6.97 2.07 -4.61
C CYS A 216 -7.50 3.46 -4.32
N ILE A 217 -7.52 3.84 -3.04
CA ILE A 217 -7.95 5.16 -2.59
C ILE A 217 -6.73 5.85 -1.99
N LEU A 218 -6.28 6.93 -2.63
CA LEU A 218 -5.09 7.64 -2.21
C LEU A 218 -5.43 9.02 -1.66
N PHE A 219 -4.62 9.46 -0.70
CA PHE A 219 -4.76 10.79 -0.10
C PHE A 219 -3.41 11.49 -0.13
N PRO A 220 -3.34 12.71 -0.65
CA PRO A 220 -2.05 13.41 -0.74
C PRO A 220 -1.48 13.70 0.64
N PRO A 221 -0.18 13.98 0.73
CA PRO A 221 0.42 14.20 2.06
C PRO A 221 -0.16 15.38 2.82
N ASP A 222 -0.73 16.38 2.14
CA ASP A 222 -1.21 17.56 2.85
C ASP A 222 -2.49 17.30 3.65
N GLN A 223 -3.09 16.12 3.53
CA GLN A 223 -4.24 15.74 4.34
C GLN A 223 -3.82 14.97 5.60
N PHE A 224 -2.59 15.18 6.05
CA PHE A 224 -2.11 14.62 7.31
C PHE A 224 -3.05 14.95 8.46
N GLU A 225 -3.58 16.17 8.48
CA GLU A 225 -4.42 16.59 9.60
C GLU A 225 -5.74 15.83 9.63
N CYS A 226 -6.18 15.31 8.49
CA CYS A 226 -7.47 14.64 8.40
C CYS A 226 -7.41 13.15 8.67
N LEU A 227 -6.22 12.55 8.71
CA LEU A 227 -6.07 11.11 8.76
C LEU A 227 -5.46 10.57 10.05
N TYR A 228 -4.86 11.44 10.87
CA TYR A 228 -4.48 11.13 12.25
C TYR A 228 -3.68 9.84 12.37
N PRO A 229 -2.43 9.82 11.92
CA PRO A 229 -1.63 8.60 12.08
C PRO A 229 -1.29 8.35 13.55
N TYR A 230 -0.94 7.10 13.84
CA TYR A 230 -0.51 6.73 15.18
C TYR A 230 0.78 7.46 15.52
N PRO A 231 1.12 7.54 16.82
CA PRO A 231 2.45 8.04 17.19
C PRO A 231 3.54 7.23 16.50
N VAL A 232 4.66 7.91 16.23
CA VAL A 232 5.77 7.30 15.48
C VAL A 232 6.28 6.05 16.21
N HIS A 233 6.28 6.09 17.54
CA HIS A 233 6.74 4.97 18.35
C HIS A 233 5.69 3.87 18.51
N HIS A 234 4.45 4.10 18.07
CA HIS A 234 3.42 3.08 18.16
C HIS A 234 3.66 2.00 17.09
N PRO A 235 3.35 0.74 17.41
CA PRO A 235 3.53 -0.34 16.41
C PRO A 235 2.79 -0.11 15.11
N CYS A 236 1.70 0.66 15.13
CA CYS A 236 0.96 1.01 13.93
C CYS A 236 1.41 2.34 13.33
N ASP A 237 2.66 2.73 13.57
CA ASP A 237 3.22 3.94 12.98
C ASP A 237 3.03 3.96 11.48
N ARG A 238 2.64 5.13 10.96
CA ARG A 238 2.35 5.46 9.56
C ARG A 238 0.95 5.04 9.12
N GLN A 239 0.15 4.42 9.99
CA GLN A 239 -1.21 4.02 9.67
C GLN A 239 -2.21 4.98 10.30
N SER A 240 -3.34 5.17 9.62
CA SER A 240 -4.36 6.09 10.12
C SER A 240 -5.10 5.47 11.30
N GLN A 241 -5.40 6.30 12.30
CA GLN A 241 -6.17 5.82 13.45
C GLN A 241 -7.66 5.71 13.14
N VAL A 242 -8.11 6.34 12.06
CA VAL A 242 -9.53 6.44 11.76
C VAL A 242 -10.02 5.10 11.21
N ASP A 243 -11.07 4.58 11.83
CA ASP A 243 -11.76 3.40 11.31
C ASP A 243 -12.62 3.87 10.14
N PHE A 244 -12.19 3.58 8.92
CA PHE A 244 -12.92 3.99 7.73
C PHE A 244 -14.34 3.43 7.71
N ASP A 245 -14.58 2.31 8.41
CA ASP A 245 -15.90 1.71 8.46
C ASP A 245 -16.80 2.35 9.52
N ASN A 246 -16.21 3.01 10.51
CA ASN A 246 -16.98 3.69 11.56
C ASN A 246 -16.15 4.86 12.10
N PRO A 247 -16.04 5.93 11.31
CA PRO A 247 -15.16 7.05 11.72
C PRO A 247 -15.70 7.77 12.95
N ASP A 248 -14.82 7.93 13.95
CA ASP A 248 -15.14 8.64 15.18
C ASP A 248 -14.87 10.13 14.94
N TYR A 249 -15.93 10.86 14.56
CA TYR A 249 -15.79 12.28 14.27
C TYR A 249 -15.49 13.11 15.52
N GLU A 250 -15.72 12.56 16.71
CA GLU A 250 -15.38 13.28 17.93
C GLU A 250 -13.87 13.30 18.14
N ARG A 251 -13.21 12.14 17.99
CA ARG A 251 -11.77 12.06 18.11
C ARG A 251 -11.05 12.59 16.88
N PHE A 252 -11.62 12.39 15.71
CA PHE A 252 -10.98 12.72 14.43
C PHE A 252 -11.88 13.64 13.62
N PRO A 253 -12.07 14.89 14.07
CA PRO A 253 -13.06 15.74 13.41
C PRO A 253 -12.71 16.10 11.97
N ASN A 254 -11.42 16.28 11.66
CA ASN A 254 -11.04 16.68 10.31
C ASN A 254 -11.14 15.56 9.29
N PHE A 255 -11.45 14.34 9.71
CA PHE A 255 -11.74 13.28 8.74
C PHE A 255 -12.98 13.62 7.92
N GLN A 256 -13.84 14.53 8.41
CA GLN A 256 -14.96 15.02 7.64
C GLN A 256 -14.51 15.92 6.48
N ASN A 257 -13.22 16.24 6.40
CA ASN A 257 -12.69 17.09 5.34
C ASN A 257 -11.82 16.33 4.36
N VAL A 258 -11.71 15.02 4.53
CA VAL A 258 -10.79 14.21 3.72
C VAL A 258 -11.40 14.00 2.34
N VAL A 259 -10.55 14.09 1.31
CA VAL A 259 -10.93 13.84 -0.07
C VAL A 259 -9.84 12.98 -0.70
N GLY A 260 -10.24 11.90 -1.37
CA GLY A 260 -9.32 10.93 -1.89
C GLY A 260 -9.22 10.94 -3.40
N TYR A 261 -8.17 10.29 -3.88
CA TYR A 261 -7.99 9.96 -5.30
C TYR A 261 -8.22 8.47 -5.47
N GLU A 262 -9.10 8.10 -6.39
CA GLU A 262 -9.60 6.73 -6.46
C GLU A 262 -9.41 6.15 -7.86
N THR A 263 -9.10 4.85 -7.91
CA THR A 263 -9.08 4.10 -9.15
C THR A 263 -9.19 2.61 -8.83
N VAL A 264 -9.57 1.84 -9.86
CA VAL A 264 -9.56 0.39 -9.81
C VAL A 264 -8.53 -0.10 -10.81
N VAL A 265 -7.53 -0.82 -10.33
CA VAL A 265 -6.47 -1.37 -11.16
C VAL A 265 -6.77 -2.84 -11.43
N GLY A 266 -6.44 -3.29 -12.64
CA GLY A 266 -6.61 -4.67 -13.01
C GLY A 266 -5.36 -5.25 -13.62
N PRO A 267 -5.44 -6.48 -14.12
CA PRO A 267 -4.25 -7.12 -14.74
C PRO A 267 -3.63 -6.28 -15.83
N GLY A 268 -2.36 -5.92 -15.66
CA GLY A 268 -1.64 -5.13 -16.62
C GLY A 268 -1.49 -3.66 -16.26
N ASP A 269 -2.25 -3.19 -15.28
CA ASP A 269 -2.16 -1.81 -14.84
C ASP A 269 -1.04 -1.64 -13.83
N VAL A 270 -0.39 -0.48 -13.88
CA VAL A 270 0.65 -0.10 -12.93
C VAL A 270 0.26 1.24 -12.33
N LEU A 271 0.11 1.27 -11.01
CA LEU A 271 -0.26 2.48 -10.29
C LEU A 271 0.99 3.06 -9.63
N TYR A 272 1.31 4.31 -9.95
CA TYR A 272 2.40 5.01 -9.27
C TYR A 272 1.85 5.60 -7.98
N ILE A 273 2.26 5.02 -6.85
CA ILE A 273 1.91 5.57 -5.55
C ILE A 273 3.08 6.43 -5.08
N PRO A 274 2.96 7.75 -5.10
CA PRO A 274 4.11 8.59 -4.75
C PRO A 274 4.46 8.47 -3.27
N MET A 275 5.76 8.61 -3.00
CA MET A 275 6.29 8.67 -1.65
C MET A 275 5.43 9.56 -0.75
N TYR A 276 5.08 9.04 0.42
CA TYR A 276 4.32 9.69 1.49
C TYR A 276 2.84 9.86 1.19
N TRP A 277 2.34 9.41 0.05
CA TRP A 277 0.91 9.48 -0.22
C TRP A 277 0.19 8.37 0.53
N TRP A 278 -0.86 8.74 1.27
CA TRP A 278 -1.71 7.73 1.89
C TRP A 278 -2.34 6.85 0.83
N HIS A 279 -2.55 5.57 1.15
CA HIS A 279 -3.26 4.70 0.24
C HIS A 279 -4.06 3.66 1.02
N HIS A 280 -5.32 3.48 0.61
CA HIS A 280 -6.23 2.48 1.14
C HIS A 280 -6.55 1.53 -0.02
N ILE A 281 -6.16 0.27 0.14
CA ILE A 281 -6.23 -0.70 -0.95
C ILE A 281 -7.11 -1.86 -0.50
N GLU A 282 -8.07 -2.23 -1.34
CA GLU A 282 -8.98 -3.33 -1.06
C GLU A 282 -9.16 -4.19 -2.31
N SER A 283 -9.14 -5.50 -2.11
CA SER A 283 -9.49 -6.44 -3.17
C SER A 283 -11.01 -6.49 -3.31
N LEU A 284 -11.48 -6.37 -4.54
CA LEU A 284 -12.91 -6.19 -4.78
C LEU A 284 -13.73 -7.34 -4.20
N LEU A 285 -14.92 -7.01 -3.71
CA LEU A 285 -15.81 -8.01 -3.14
C LEU A 285 -16.26 -8.98 -4.23
N ASN A 286 -16.23 -10.28 -3.90
CA ASN A 286 -16.62 -11.34 -4.83
C ASN A 286 -15.83 -11.27 -6.14
N GLY A 287 -14.56 -10.87 -6.06
CA GLY A 287 -13.71 -10.76 -7.22
C GLY A 287 -12.67 -11.84 -7.35
N GLY A 288 -12.69 -12.85 -6.49
CA GLY A 288 -11.67 -13.88 -6.49
C GLY A 288 -10.41 -13.42 -5.77
N ILE A 289 -9.33 -14.15 -6.00
CA ILE A 289 -8.04 -13.79 -5.43
C ILE A 289 -7.43 -12.66 -6.24
N THR A 290 -6.55 -11.89 -5.60
CA THR A 290 -5.81 -10.82 -6.24
C THR A 290 -4.31 -11.07 -6.10
N ILE A 291 -3.56 -10.72 -7.14
CA ILE A 291 -2.11 -10.86 -7.14
C ILE A 291 -1.49 -9.52 -7.52
N THR A 292 -0.53 -9.06 -6.73
CA THR A 292 0.15 -7.80 -6.98
C THR A 292 1.63 -7.95 -6.67
N VAL A 293 2.46 -7.24 -7.42
CA VAL A 293 3.90 -7.16 -7.17
C VAL A 293 4.29 -5.69 -7.11
N ASN A 294 4.93 -5.29 -6.02
CA ASN A 294 5.33 -3.91 -5.82
C ASN A 294 6.81 -3.74 -6.14
N PHE A 295 7.17 -2.53 -6.56
CA PHE A 295 8.55 -2.13 -6.81
C PHE A 295 8.81 -0.91 -5.95
N TRP A 296 9.68 -1.04 -4.95
N TRP A 296 9.70 -1.07 -4.97
CA TRP A 296 9.95 0.05 -4.03
CA TRP A 296 10.04 -0.01 -4.02
C TRP A 296 11.34 0.62 -4.28
C TRP A 296 11.37 0.61 -4.41
N TYR A 297 11.41 1.94 -4.45
CA TYR A 297 12.65 2.66 -4.68
C TYR A 297 12.77 3.76 -3.63
N LYS A 298 13.97 3.90 -3.07
CA LYS A 298 14.26 5.06 -2.23
C LYS A 298 14.05 6.33 -3.04
N GLY A 299 13.45 7.33 -2.41
CA GLY A 299 13.23 8.60 -3.07
C GLY A 299 14.53 9.27 -3.45
N ALA A 300 14.40 10.30 -4.29
CA ALA A 300 15.57 11.06 -4.69
C ALA A 300 16.14 11.81 -3.48
N PRO A 301 17.47 12.00 -3.43
CA PRO A 301 18.06 12.68 -2.28
C PRO A 301 17.58 14.12 -2.18
N THR A 302 17.43 14.60 -0.94
CA THR A 302 16.98 15.96 -0.73
C THR A 302 18.00 16.93 -1.32
N PRO A 303 17.56 17.90 -2.13
CA PRO A 303 18.52 18.76 -2.85
C PRO A 303 19.30 19.64 -1.90
N LYS A 304 20.45 20.12 -2.40
CA LYS A 304 21.36 20.92 -1.59
C LYS A 304 20.73 22.26 -1.22
N ARG A 305 20.23 22.99 -2.22
CA ARG A 305 19.58 24.28 -1.98
C ARG A 305 18.14 24.03 -1.56
N ILE A 306 17.85 24.25 -0.28
CA ILE A 306 16.51 24.01 0.25
C ILE A 306 15.58 25.10 -0.26
N GLU A 307 14.55 24.70 -0.98
CA GLU A 307 13.58 25.64 -1.55
C GLU A 307 12.34 25.73 -0.68
N TYR A 308 11.76 26.94 -0.61
CA TYR A 308 10.57 27.21 0.17
C TYR A 308 9.45 27.71 -0.72
N PRO A 309 8.18 27.44 -0.37
CA PRO A 309 7.74 26.74 0.84
C PRO A 309 7.99 25.24 0.77
N LEU A 310 8.09 24.59 1.92
CA LEU A 310 8.34 23.16 1.96
C LEU A 310 7.15 22.39 1.42
N LYS A 311 7.46 21.29 0.72
CA LYS A 311 6.41 20.37 0.29
C LYS A 311 5.79 19.70 1.51
N ALA A 312 4.57 19.20 1.34
CA ALA A 312 3.84 18.63 2.47
C ALA A 312 4.57 17.43 3.05
N HIS A 313 5.16 16.59 2.19
CA HIS A 313 5.85 15.41 2.68
C HIS A 313 7.12 15.76 3.43
N GLN A 314 7.70 16.93 3.16
CA GLN A 314 8.87 17.38 3.91
C GLN A 314 8.47 17.76 5.33
N LYS A 315 7.30 18.39 5.49
CA LYS A 315 6.81 18.72 6.83
C LYS A 315 6.45 17.46 7.61
N VAL A 316 5.94 16.44 6.92
CA VAL A 316 5.67 15.16 7.56
C VAL A 316 6.97 14.53 8.03
N ALA A 317 8.03 14.63 7.20
CA ALA A 317 9.34 14.14 7.61
C ALA A 317 9.85 14.89 8.83
N ILE A 318 9.62 16.20 8.90
CA ILE A 318 10.04 16.99 10.06
C ILE A 318 9.32 16.51 11.31
N MET A 319 7.99 16.35 11.21
CA MET A 319 7.21 15.91 12.36
C MET A 319 7.66 14.53 12.83
N ARG A 320 7.99 13.64 11.90
CA ARG A 320 8.50 12.33 12.28
C ARG A 320 9.80 12.44 13.06
N ASN A 321 10.71 13.32 12.61
N ASN A 321 10.70 13.32 12.60
CA ASN A 321 12.00 13.44 13.25
CA ASN A 321 12.00 13.44 13.25
C ASN A 321 11.89 14.07 14.63
C ASN A 321 11.88 14.06 14.63
N ILE A 322 10.94 14.99 14.81
CA ILE A 322 10.73 15.61 16.12
C ILE A 322 10.32 14.56 17.13
N GLU A 323 9.40 13.68 16.73
CA GLU A 323 8.94 12.62 17.63
C GLU A 323 10.04 11.61 17.91
N LYS A 324 10.86 11.29 16.90
CA LYS A 324 11.97 10.38 17.12
C LYS A 324 12.99 11.00 18.07
N MET A 325 13.35 12.26 17.84
CA MET A 325 14.33 12.92 18.69
C MET A 325 13.84 13.00 20.13
N LEU A 326 12.54 13.27 20.34
CA LEU A 326 12.01 13.34 21.69
C LEU A 326 12.08 11.98 22.40
N GLY A 327 11.78 10.90 21.68
CA GLY A 327 11.82 9.58 22.30
C GLY A 327 13.19 9.23 22.83
N GLU A 328 14.23 9.50 22.04
CA GLU A 328 15.60 9.24 22.47
C GLU A 328 16.06 10.24 23.53
N ALA A 329 15.58 11.49 23.46
CA ALA A 329 16.02 12.50 24.41
C ALA A 329 15.46 12.23 25.81
N LEU A 330 14.17 11.93 25.90
CA LEU A 330 13.52 11.72 27.18
C LEU A 330 13.79 10.34 27.78
N GLY A 331 14.33 9.41 26.99
CA GLY A 331 14.59 8.07 27.47
C GLY A 331 13.38 7.16 27.52
N ASN A 332 12.22 7.61 27.04
CA ASN A 332 10.99 6.85 27.07
C ASN A 332 10.03 7.43 26.04
N PRO A 333 9.60 6.65 25.05
CA PRO A 333 8.66 7.17 24.05
C PRO A 333 7.31 7.57 24.63
N GLN A 334 6.93 7.02 25.79
CA GLN A 334 5.65 7.35 26.38
C GLN A 334 5.63 8.76 26.97
N GLU A 335 6.79 9.38 27.19
CA GLU A 335 6.82 10.76 27.64
C GLU A 335 6.77 11.76 26.50
N VAL A 336 6.77 11.29 25.25
CA VAL A 336 6.71 12.18 24.09
C VAL A 336 5.42 12.98 24.11
N GLY A 337 4.30 12.31 24.35
CA GLY A 337 3.00 12.95 24.35
C GLY A 337 2.87 14.09 25.34
N PRO A 338 3.02 13.80 26.64
CA PRO A 338 2.88 14.86 27.64
C PRO A 338 3.83 16.04 27.44
N LEU A 339 5.04 15.82 26.93
CA LEU A 339 5.93 16.96 26.71
C LEU A 339 5.42 17.83 25.56
N LEU A 340 4.92 17.21 24.49
CA LEU A 340 4.37 17.97 23.39
C LEU A 340 3.15 18.78 23.82
N ASN A 341 2.30 18.20 24.66
CA ASN A 341 1.15 18.94 25.18
C ASN A 341 1.61 20.09 26.07
N THR A 342 2.55 19.83 26.98
CA THR A 342 3.12 20.89 27.80
C THR A 342 3.67 22.03 26.94
N MET A 343 4.22 21.69 25.76
CA MET A 343 4.89 22.69 24.95
C MET A 343 3.92 23.66 24.30
N ILE A 344 2.70 23.22 23.96
CA ILE A 344 1.80 24.02 23.16
C ILE A 344 0.58 24.51 23.94
N LYS A 345 0.18 23.82 25.00
CA LYS A 345 -1.02 24.19 25.72
C LYS A 345 -0.90 25.60 26.27
N GLY A 346 -1.79 26.48 25.83
CA GLY A 346 -1.76 27.86 26.22
C GLY A 346 -0.61 28.66 25.64
N ARG A 347 0.17 28.09 24.72
CA ARG A 347 1.27 28.80 24.08
C ARG A 347 1.15 28.86 22.57
N TYR A 348 0.70 27.79 21.94
CA TYR A 348 0.55 27.75 20.49
C TYR A 348 -0.85 27.38 20.02
N ASN A 349 -1.79 27.14 20.93
CA ASN A 349 -3.17 26.84 20.54
C ASN A 349 -4.16 27.85 21.09
ZN ZN B . 1.82 0.62 1.52
C10 VIZ C . 1.75 -2.46 1.45
C13 VIZ C . 5.11 -1.59 2.71
C15 VIZ C . 6.32 0.38 4.62
C17 VIZ C . 7.71 1.22 2.68
C20 VIZ C . 10.40 -0.43 0.78
C21 VIZ C . 11.09 -1.64 0.75
C22 VIZ C . 10.78 -2.64 1.66
C24 VIZ C . 9.10 -1.21 2.61
C03 VIZ C . -0.60 -2.87 0.49
C04 VIZ C . -1.94 -2.66 -0.22
C05 VIZ C . -2.38 -3.93 -0.94
C08 VIZ C . -0.23 -4.18 1.16
C12 VIZ C . 3.91 -2.50 2.49
C16 VIZ C . 7.42 0.21 3.58
C18 VIZ C . 8.71 1.02 1.74
C19 VIZ C . 9.39 -0.21 1.72
C23 VIZ C . 9.78 -2.43 2.59
C25 VIZ C . 8.11 -0.99 3.57
N02 VIZ C . 0.61 -1.74 0.63
N11 VIZ C . 2.83 -1.91 1.74
O01 VIZ C . 0.64 -0.42 0.14
O06 VIZ C . -2.98 -4.83 -0.30
O07 VIZ C . -2.13 -4.07 -2.16
O26 VIZ C . 3.87 -0.73 4.95
O27 VIZ C . 5.62 -2.14 5.30
O28 VIZ C . 3.92 -3.61 2.91
S09 VIZ C . 1.23 -4.02 1.80
S14 VIZ C . 5.20 -1.03 4.43
S SO4 D . -13.43 -19.80 10.47
O1 SO4 D . -13.00 -19.70 11.86
O2 SO4 D . -14.26 -21.00 10.31
O3 SO4 D . -14.21 -18.62 10.11
O4 SO4 D . -12.26 -19.92 9.61
S SO4 E . 2.74 19.80 -1.86
O1 SO4 E . 2.74 18.40 -1.42
O2 SO4 E . 3.38 20.62 -0.86
O3 SO4 E . 1.35 20.24 -2.05
O4 SO4 E . 3.46 19.91 -3.12
S SO4 F . 13.43 -25.52 -10.08
O1 SO4 F . 14.82 -25.21 -9.79
O2 SO4 F . 12.67 -25.57 -8.83
O3 SO4 F . 13.34 -26.82 -10.74
O4 SO4 F . 12.87 -24.50 -10.95
S SO4 G . -16.29 -10.87 0.64
O1 SO4 G . -15.43 -9.99 1.42
O2 SO4 G . -16.42 -12.16 1.30
O3 SO4 G . -17.62 -10.26 0.50
O4 SO4 G . -15.71 -11.05 -0.69
S SO4 H . -8.09 2.72 -20.12
O1 SO4 H . -7.25 1.73 -20.80
O2 SO4 H . -8.05 2.46 -18.68
O3 SO4 H . -9.46 2.60 -20.60
O4 SO4 H . -7.59 4.06 -20.40
S SO4 I . -4.24 -20.54 10.50
O1 SO4 I . -3.57 -21.72 11.00
O2 SO4 I . -4.70 -19.72 11.62
O3 SO4 I . -5.40 -20.94 9.70
O4 SO4 I . -3.32 -19.77 9.67
S SO4 J . 11.22 4.06 11.89
O1 SO4 J . 12.41 3.73 12.66
O2 SO4 J . 10.11 4.32 12.80
O3 SO4 J . 11.48 5.24 11.08
O4 SO4 J . 10.88 2.93 11.02
S SO4 K . 0.88 19.64 6.48
O1 SO4 K . 0.87 20.38 7.73
O2 SO4 K . 2.15 18.94 6.34
O3 SO4 K . -0.21 18.68 6.46
O4 SO4 K . 0.73 20.58 5.36
C1 GOL L . 13.00 -12.72 2.24
O1 GOL L . 13.75 -11.68 1.73
C2 GOL L . 12.75 -12.40 3.73
O2 GOL L . 12.08 -11.19 3.88
C3 GOL L . 11.92 -13.60 4.25
O3 GOL L . 11.07 -13.10 5.24
C1 GOL M . 16.68 -10.82 -8.59
O1 GOL M . 17.26 -11.63 -9.57
C2 GOL M . 15.83 -11.75 -7.70
O2 GOL M . 14.93 -11.05 -6.92
C3 GOL M . 15.13 -12.70 -8.69
O3 GOL M . 14.00 -13.18 -8.05
C1 GOL N . 17.25 -5.68 -13.06
O1 GOL N . 17.38 -5.06 -11.82
C2 GOL N . 17.52 -7.19 -12.85
O2 GOL N . 16.77 -7.72 -11.80
C3 GOL N . 17.18 -7.84 -14.20
O3 GOL N . 17.99 -7.25 -15.16
C1 GOL O . -7.01 21.22 2.20
O1 GOL O . -6.02 21.72 3.04
C2 GOL O . -7.05 19.71 2.44
O2 GOL O . -6.83 19.40 3.76
C3 GOL O . -8.44 19.27 1.97
O3 GOL O . -8.66 18.02 2.53
C1 GOL P . -9.71 8.14 -16.70
O1 GOL P . -10.06 7.51 -15.51
C2 GOL P . -8.89 9.39 -16.32
O2 GOL P . -8.18 9.90 -17.39
C3 GOL P . -9.91 10.39 -15.74
O3 GOL P . -9.17 11.50 -15.34
C1 GOL Q . 10.87 -15.24 12.27
O1 GOL Q . 11.36 -13.99 12.60
C2 GOL Q . 9.45 -15.35 12.89
O2 GOL Q . 8.83 -16.56 12.57
C3 GOL Q . 9.67 -15.18 14.41
O3 GOL Q . 8.41 -15.13 14.99
C1 GOL R . 12.55 -26.76 4.21
O1 GOL R . 12.05 -26.20 5.39
C2 GOL R . 12.10 -28.23 4.18
O2 GOL R . 12.94 -29.04 4.96
C3 GOL R . 10.66 -28.20 4.74
O3 GOL R . 10.13 -29.48 4.57
#